data_6HM5
#
_entry.id   6HM5
#
_cell.length_a   59.050
_cell.length_b   34.070
_cell.length_c   66.670
_cell.angle_alpha   90.000
_cell.angle_beta   103.570
_cell.angle_gamma   90.000
#
_symmetry.space_group_name_H-M   'P 1 21 1'
#
loop_
_entity.id
_entity.type
_entity.pdbx_description
1 polymer 'DNA topoisomerase II binding protein 1'
2 polymer 'Cell cycle checkpoint control protein RAD9A'
3 water water
#
loop_
_entity_poly.entity_id
_entity_poly.type
_entity_poly.pdbx_seq_one_letter_code
_entity_poly.pdbx_strand_id
1 'polypeptide(L)'
;RMKGSKEVFLVKFVKSSGSSEYFLKALESIKEFQSEEHLQILEEEAALNIKENDKSLYICDPFTGVVFNHLKKLGCRIVG
PQVVLYCMQSQRCVPRAEYPVYNMTMADVTISCTTLDKDVREEVHKYVQMMGGRVYRDLNMSVTHLIAGEVGSKKYLVAA
SLKKPVLLPSWVKTLWDKSQQRMMRYTDVNMEDYACPVFLGCTICVTGLSSSDRKEVQRLTAEHGGQYSGQLKMNECTHL
IVQEPKGQKYECAKKWNVHCVPVQWFSDSIEKGFCQDETMYKIESGSKLS
;
A
2 'polypeptide(L)' SPVLAED(SEP)EGE B
#
# COMPACT_ATOMS: atom_id res chain seq x y z
N PHE A 9 10.32 -26.58 10.01
CA PHE A 9 10.04 -25.96 11.29
C PHE A 9 8.70 -26.44 11.86
N LEU A 10 8.56 -26.35 13.17
CA LEU A 10 7.34 -26.77 13.85
C LEU A 10 6.27 -25.68 13.78
N VAL A 11 5.01 -26.10 13.83
CA VAL A 11 3.86 -25.20 13.73
C VAL A 11 3.04 -25.35 15.00
N LYS A 12 2.86 -24.24 15.74
CA LYS A 12 2.13 -24.23 16.99
C LYS A 12 0.91 -23.31 16.86
N PHE A 13 -0.28 -23.91 16.75
CA PHE A 13 -1.52 -23.14 16.74
C PHE A 13 -1.87 -22.69 18.15
N VAL A 14 -2.09 -21.39 18.31
CA VAL A 14 -2.34 -20.78 19.61
C VAL A 14 -3.83 -20.47 19.70
N LYS A 15 -4.59 -21.35 20.35
CA LYS A 15 -6.00 -21.08 20.59
C LYS A 15 -6.14 -19.86 21.49
N SER A 16 -7.04 -18.95 21.11
CA SER A 16 -7.21 -17.72 21.85
C SER A 16 -8.65 -17.23 21.70
N SER A 17 -9.03 -16.31 22.59
CA SER A 17 -10.35 -15.70 22.55
C SER A 17 -10.33 -14.49 21.61
N GLY A 18 -11.49 -14.23 21.01
CA GLY A 18 -11.60 -13.19 20.01
C GLY A 18 -11.20 -13.62 18.61
N SER A 19 -10.76 -14.87 18.45
CA SER A 19 -10.33 -15.36 17.14
C SER A 19 -11.47 -15.35 16.15
N SER A 20 -11.13 -15.26 14.86
CA SER A 20 -12.10 -15.32 13.78
C SER A 20 -12.34 -16.77 13.39
N GLU A 21 -13.30 -16.99 12.49
CA GLU A 21 -13.58 -18.34 12.01
C GLU A 21 -12.43 -18.93 11.22
N TYR A 22 -11.58 -18.08 10.63
CA TYR A 22 -10.48 -18.57 9.82
C TYR A 22 -9.49 -19.38 10.64
N PHE A 23 -9.39 -19.10 11.94
CA PHE A 23 -8.57 -19.93 12.81
C PHE A 23 -9.08 -21.36 12.82
N LEU A 24 -10.38 -21.55 13.08
CA LEU A 24 -10.95 -22.89 13.05
C LEU A 24 -10.77 -23.52 11.66
N LYS A 25 -11.05 -22.76 10.60
CA LYS A 25 -10.90 -23.30 9.26
C LYS A 25 -9.46 -23.76 9.00
N ALA A 26 -8.49 -23.13 9.68
CA ALA A 26 -7.10 -23.56 9.53
C ALA A 26 -6.81 -24.83 10.30
N LEU A 27 -7.51 -25.07 11.41
CA LEU A 27 -7.35 -26.33 12.13
C LEU A 27 -7.94 -27.50 11.37
N GLU A 28 -8.98 -27.26 10.55
CA GLU A 28 -9.58 -28.29 9.73
C GLU A 28 -8.81 -28.54 8.43
N SER A 29 -7.50 -28.27 8.41
CA SER A 29 -6.70 -28.42 7.20
C SER A 29 -5.33 -29.04 7.50
N ILE A 30 -5.17 -29.65 8.68
CA ILE A 30 -3.89 -30.24 9.08
C ILE A 30 -4.03 -31.75 9.15
N GLU A 37 2.87 -36.03 11.76
CA GLU A 37 2.40 -34.95 12.62
C GLU A 37 3.58 -34.20 13.25
N HIS A 38 3.69 -32.93 12.91
CA HIS A 38 4.66 -32.04 13.55
C HIS A 38 4.02 -30.68 13.82
N LEU A 39 2.72 -30.66 14.09
CA LEU A 39 1.99 -29.44 14.40
C LEU A 39 1.32 -29.62 15.76
N GLN A 40 1.64 -28.72 16.69
CA GLN A 40 1.04 -28.74 18.02
C GLN A 40 -0.13 -27.77 18.08
N ILE A 41 -1.10 -28.09 18.92
CA ILE A 41 -2.27 -27.26 19.16
C ILE A 41 -2.24 -26.85 20.62
N LEU A 42 -1.97 -25.57 20.88
CA LEU A 42 -1.81 -25.07 22.23
C LEU A 42 -3.08 -24.37 22.68
N GLU A 43 -3.52 -24.67 23.89
CA GLU A 43 -4.54 -23.86 24.53
C GLU A 43 -3.94 -22.50 24.91
N GLU A 44 -4.82 -21.53 25.16
CA GLU A 44 -4.36 -20.20 25.52
C GLU A 44 -3.38 -20.24 26.68
N GLU A 45 -3.66 -21.08 27.68
CA GLU A 45 -2.84 -21.13 28.87
C GLU A 45 -1.43 -21.62 28.56
N ALA A 46 -1.33 -22.72 27.82
CA ALA A 46 -0.02 -23.26 27.45
C ALA A 46 0.79 -22.24 26.67
N ALA A 47 0.14 -21.40 25.87
CA ALA A 47 0.84 -20.35 25.14
C ALA A 47 1.24 -19.20 26.05
N LEU A 48 0.43 -18.91 27.08
CA LEU A 48 0.80 -17.88 28.05
C LEU A 48 1.96 -18.31 28.92
N ASN A 49 2.18 -19.62 29.09
CA ASN A 49 3.31 -20.10 29.87
C ASN A 49 4.61 -20.15 29.07
N ILE A 50 4.57 -19.88 27.76
CA ILE A 50 5.81 -19.78 26.99
C ILE A 50 6.63 -18.60 27.52
N LYS A 51 7.94 -18.80 27.63
CA LYS A 51 8.83 -17.81 28.20
C LYS A 51 10.06 -17.53 27.34
N GLU A 52 10.21 -18.23 26.20
CA GLU A 52 11.35 -18.07 25.32
C GLU A 52 10.85 -18.18 23.88
N ASN A 53 11.79 -18.15 22.93
CA ASN A 53 11.47 -18.25 21.51
C ASN A 53 12.11 -19.51 20.94
N ASP A 54 11.28 -20.53 20.68
CA ASP A 54 11.74 -21.80 20.15
C ASP A 54 11.89 -21.81 18.63
N LYS A 55 11.83 -20.65 17.98
CA LYS A 55 12.02 -20.55 16.53
C LYS A 55 11.06 -21.46 15.77
N SER A 56 9.88 -21.68 16.33
CA SER A 56 8.79 -22.36 15.64
C SER A 56 7.81 -21.32 15.11
N LEU A 57 6.93 -21.75 14.22
CA LEU A 57 5.93 -20.88 13.63
C LEU A 57 4.69 -20.90 14.50
N TYR A 58 4.27 -19.72 14.95
CA TYR A 58 3.10 -19.56 15.79
C TYR A 58 1.96 -18.98 14.97
N ILE A 59 0.81 -19.66 14.97
CA ILE A 59 -0.40 -19.17 14.33
C ILE A 59 -1.22 -18.46 15.40
N CYS A 60 -1.46 -17.16 15.24
CA CYS A 60 -2.21 -16.37 16.20
C CYS A 60 -3.41 -15.72 15.54
N ASP A 61 -4.51 -15.65 16.28
CA ASP A 61 -5.73 -14.99 15.84
C ASP A 61 -6.56 -14.64 17.07
N PRO A 62 -6.86 -13.36 17.32
CA PRO A 62 -6.50 -12.19 16.51
C PRO A 62 -5.07 -11.75 16.74
N PHE A 63 -4.67 -10.64 16.12
CA PHE A 63 -3.40 -9.98 16.43
C PHE A 63 -3.58 -8.92 17.51
N THR A 64 -4.42 -9.21 18.49
CA THR A 64 -4.59 -8.39 19.68
C THR A 64 -4.75 -9.31 20.88
N GLY A 65 -4.45 -8.78 22.05
CA GLY A 65 -4.58 -9.53 23.28
C GLY A 65 -3.22 -9.83 23.92
N VAL A 66 -3.27 -10.19 25.20
CA VAL A 66 -2.05 -10.41 25.96
C VAL A 66 -1.24 -11.57 25.40
N VAL A 67 -1.92 -12.57 24.82
CA VAL A 67 -1.21 -13.71 24.25
C VAL A 67 -0.37 -13.27 23.05
N PHE A 68 -1.03 -12.65 22.07
CA PHE A 68 -0.34 -12.21 20.86
C PHE A 68 0.81 -11.26 21.19
N ASN A 69 0.55 -10.27 22.05
CA ASN A 69 1.60 -9.33 22.41
C ASN A 69 2.69 -9.99 23.23
N HIS A 70 2.36 -11.04 23.97
CA HIS A 70 3.38 -11.79 24.71
C HIS A 70 4.34 -12.49 23.74
N LEU A 71 3.79 -13.35 22.87
CA LEU A 71 4.61 -14.01 21.86
C LEU A 71 5.39 -13.00 21.03
N LYS A 72 4.74 -11.90 20.63
CA LYS A 72 5.40 -10.87 19.84
C LYS A 72 6.56 -10.26 20.62
N LYS A 73 6.36 -10.02 21.92
CA LYS A 73 7.42 -9.47 22.76
C LYS A 73 8.60 -10.42 22.84
N LEU A 74 8.34 -11.73 22.94
CA LEU A 74 9.42 -12.69 22.98
C LEU A 74 10.22 -12.75 21.67
N GLY A 75 9.69 -12.17 20.60
CA GLY A 75 10.34 -12.25 19.30
C GLY A 75 9.86 -13.38 18.44
N CYS A 76 8.75 -14.03 18.79
CA CYS A 76 8.32 -15.23 18.10
C CYS A 76 7.92 -14.94 16.66
N ARG A 77 8.02 -15.97 15.83
CA ARG A 77 7.57 -15.90 14.44
C ARG A 77 6.06 -16.12 14.42
N ILE A 78 5.31 -15.05 14.16
CA ILE A 78 3.86 -15.08 14.27
C ILE A 78 3.25 -14.87 12.89
N VAL A 79 2.12 -15.54 12.65
CA VAL A 79 1.44 -15.50 11.37
C VAL A 79 -0.03 -15.77 11.63
N GLY A 80 -0.90 -15.23 10.79
CA GLY A 80 -2.32 -15.42 10.94
C GLY A 80 -2.80 -16.69 10.27
N PRO A 81 -4.01 -17.15 10.61
CA PRO A 81 -4.54 -18.37 9.96
C PRO A 81 -4.80 -18.19 8.47
N GLN A 82 -5.09 -16.97 8.03
CA GLN A 82 -5.25 -16.74 6.59
C GLN A 82 -3.97 -17.09 5.85
N VAL A 83 -2.81 -16.87 6.49
CA VAL A 83 -1.55 -17.28 5.89
C VAL A 83 -1.48 -18.79 5.74
N VAL A 84 -2.02 -19.52 6.72
CA VAL A 84 -2.06 -20.98 6.61
C VAL A 84 -2.97 -21.42 5.47
N LEU A 85 -4.17 -20.85 5.40
CA LEU A 85 -5.08 -21.18 4.31
C LEU A 85 -4.50 -20.79 2.95
N TYR A 86 -3.56 -19.84 2.92
CA TYR A 86 -2.94 -19.46 1.66
C TYR A 86 -1.81 -20.40 1.29
N CYS A 87 -0.90 -20.66 2.22
CA CYS A 87 0.26 -21.50 1.94
C CYS A 87 -0.04 -22.98 2.09
N MET A 88 -1.02 -23.32 2.92
CA MET A 88 -1.43 -24.72 3.13
C MET A 88 -0.20 -25.47 3.63
N GLN A 89 0.29 -26.50 2.93
CA GLN A 89 1.42 -27.29 3.41
C GLN A 89 2.75 -26.85 2.81
N SER A 90 2.81 -25.66 2.23
CA SER A 90 4.06 -25.15 1.66
C SER A 90 4.77 -24.31 2.71
N GLN A 91 5.83 -24.87 3.30
CA GLN A 91 6.60 -24.11 4.29
C GLN A 91 7.32 -22.94 3.63
N ARG A 92 7.86 -23.14 2.43
CA ARG A 92 8.57 -22.06 1.76
C ARG A 92 7.64 -20.89 1.44
N CYS A 93 6.36 -21.17 1.23
CA CYS A 93 5.41 -20.10 0.93
C CYS A 93 5.27 -19.13 2.08
N VAL A 94 5.52 -19.58 3.30
CA VAL A 94 5.34 -18.72 4.48
C VAL A 94 6.34 -17.58 4.42
N PRO A 95 5.92 -16.32 4.61
CA PRO A 95 6.89 -15.23 4.64
C PRO A 95 7.94 -15.43 5.72
N ARG A 96 9.15 -14.95 5.45
CA ARG A 96 10.28 -15.08 6.36
C ARG A 96 10.72 -13.67 6.76
N ALA A 97 10.12 -13.14 7.83
CA ALA A 97 10.42 -11.80 8.29
C ALA A 97 10.33 -11.78 9.81
N GLU A 98 10.79 -10.66 10.38
CA GLU A 98 10.83 -10.49 11.83
C GLU A 98 9.54 -9.91 12.39
N TYR A 99 8.52 -9.69 11.56
CA TYR A 99 7.27 -9.10 12.01
C TYR A 99 6.10 -10.04 11.76
N PRO A 100 5.04 -9.95 12.55
CA PRO A 100 3.89 -10.83 12.31
C PRO A 100 3.17 -10.46 11.02
N VAL A 101 2.79 -11.50 10.26
CA VAL A 101 2.02 -11.34 9.03
C VAL A 101 0.63 -11.89 9.29
N TYR A 102 -0.39 -11.04 9.14
CA TYR A 102 -1.75 -11.47 9.41
C TYR A 102 -2.31 -12.30 8.27
N ASN A 103 -2.11 -11.86 7.02
CA ASN A 103 -2.64 -12.58 5.87
C ASN A 103 -1.71 -12.33 4.68
N MET A 104 -2.14 -12.78 3.50
CA MET A 104 -1.35 -12.70 2.28
C MET A 104 -2.06 -11.89 1.20
N THR A 105 -2.96 -10.98 1.59
CA THR A 105 -3.69 -10.18 0.61
C THR A 105 -2.74 -9.50 -0.36
N MET A 106 -1.59 -9.03 0.14
CA MET A 106 -0.66 -8.26 -0.67
C MET A 106 0.61 -9.05 -1.00
N ALA A 107 0.54 -10.38 -0.93
CA ALA A 107 1.63 -11.19 -1.45
C ALA A 107 1.88 -10.84 -2.91
N ASP A 108 3.16 -10.66 -3.26
CA ASP A 108 3.64 -10.30 -4.60
C ASP A 108 3.57 -8.80 -4.84
N VAL A 109 3.08 -8.02 -3.90
CA VAL A 109 3.08 -6.56 -4.03
C VAL A 109 4.34 -6.02 -3.35
N THR A 110 5.08 -5.19 -4.08
CA THR A 110 6.19 -4.41 -3.55
C THR A 110 5.86 -2.94 -3.77
N ILE A 111 5.72 -2.19 -2.68
CA ILE A 111 5.31 -0.79 -2.78
C ILE A 111 6.48 0.10 -2.39
N SER A 112 6.46 1.31 -2.95
CA SER A 112 7.19 2.44 -2.40
C SER A 112 6.18 3.57 -2.25
N CYS A 113 6.50 4.52 -1.38
CA CYS A 113 5.64 5.68 -1.16
C CYS A 113 6.32 6.94 -1.65
N THR A 114 5.51 7.95 -1.94
CA THR A 114 6.04 9.26 -2.31
C THR A 114 5.12 10.35 -1.79
N THR A 115 5.72 11.46 -1.38
CA THR A 115 5.01 12.68 -1.04
C THR A 115 3.87 12.39 -0.08
N LEU A 116 4.20 11.68 0.99
CA LEU A 116 3.28 11.39 2.07
C LEU A 116 3.90 11.84 3.38
N ASP A 117 3.05 12.13 4.36
CA ASP A 117 3.52 12.37 5.70
C ASP A 117 4.26 11.13 6.20
N LYS A 118 5.38 11.35 6.89
CA LYS A 118 6.25 10.25 7.30
C LYS A 118 5.49 9.22 8.14
N ASP A 119 4.60 9.68 9.01
CA ASP A 119 3.86 8.77 9.88
C ASP A 119 2.86 7.94 9.07
N VAL A 120 2.13 8.58 8.17
CA VAL A 120 1.26 7.85 7.25
C VAL A 120 2.09 6.86 6.44
N ARG A 121 3.23 7.32 5.93
CA ARG A 121 4.13 6.44 5.19
C ARG A 121 4.42 5.17 5.97
N GLU A 122 4.78 5.32 7.25
CA GLU A 122 5.14 4.16 8.06
C GLU A 122 3.91 3.30 8.37
N GLU A 123 2.73 3.91 8.49
CA GLU A 123 1.51 3.11 8.62
C GLU A 123 1.30 2.25 7.38
N VAL A 124 1.39 2.86 6.20
CA VAL A 124 1.29 2.12 4.93
C VAL A 124 2.26 0.95 4.94
N HIS A 125 3.53 1.24 5.20
CA HIS A 125 4.54 0.18 5.28
C HIS A 125 4.08 -0.94 6.22
N LYS A 126 3.55 -0.56 7.39
CA LYS A 126 3.13 -1.55 8.38
C LYS A 126 2.05 -2.46 7.83
N TYR A 127 0.98 -1.88 7.27
CA TYR A 127 -0.14 -2.69 6.79
C TYR A 127 0.27 -3.55 5.60
N VAL A 128 1.10 -3.01 4.71
CA VAL A 128 1.56 -3.80 3.56
C VAL A 128 2.35 -5.00 4.05
N GLN A 129 3.33 -4.77 4.93
CA GLN A 129 4.13 -5.87 5.45
C GLN A 129 3.26 -6.89 6.18
N MET A 130 2.28 -6.41 6.95
CA MET A 130 1.37 -7.29 7.66
C MET A 130 0.47 -8.09 6.70
N MET A 131 0.25 -7.60 5.48
CA MET A 131 -0.53 -8.33 4.50
C MET A 131 0.34 -9.15 3.54
N GLY A 132 1.57 -9.44 3.94
CA GLY A 132 2.43 -10.29 3.14
C GLY A 132 3.18 -9.62 2.03
N GLY A 133 3.14 -8.28 1.95
CA GLY A 133 3.82 -7.57 0.89
C GLY A 133 5.23 -7.14 1.30
N ARG A 134 5.93 -6.55 0.33
CA ARG A 134 7.26 -5.99 0.51
C ARG A 134 7.18 -4.48 0.42
N VAL A 135 8.12 -3.80 1.09
CA VAL A 135 8.19 -2.35 1.07
C VAL A 135 9.65 -1.93 0.90
N TYR A 136 9.86 -0.90 0.08
CA TYR A 136 11.16 -0.27 -0.07
C TYR A 136 10.99 1.23 0.10
N ARG A 137 12.07 1.90 0.53
CA ARG A 137 12.03 3.35 0.70
C ARG A 137 12.38 4.09 -0.59
N ASP A 138 13.20 3.47 -1.45
CA ASP A 138 13.46 3.98 -2.78
C ASP A 138 12.56 3.28 -3.78
N LEU A 139 12.44 3.87 -4.97
CA LEU A 139 11.67 3.27 -6.06
C LEU A 139 12.64 2.47 -6.91
N ASN A 140 12.75 1.18 -6.63
CA ASN A 140 13.64 0.31 -7.38
C ASN A 140 12.82 -0.52 -8.36
N MET A 141 13.52 -1.32 -9.18
CA MET A 141 12.87 -2.07 -10.24
C MET A 141 11.97 -3.19 -9.72
N SER A 142 12.01 -3.49 -8.42
CA SER A 142 11.10 -4.49 -7.86
C SER A 142 9.73 -3.93 -7.51
N VAL A 143 9.64 -2.61 -7.28
CA VAL A 143 8.37 -2.01 -6.87
C VAL A 143 7.30 -2.27 -7.93
N THR A 144 6.18 -2.83 -7.49
CA THR A 144 5.03 -3.06 -8.37
C THR A 144 3.97 -1.97 -8.28
N HIS A 145 3.90 -1.25 -7.16
CA HIS A 145 2.89 -0.22 -6.96
C HIS A 145 3.51 0.98 -6.27
N LEU A 146 3.19 2.17 -6.75
CA LEU A 146 3.57 3.39 -6.07
C LEU A 146 2.37 3.93 -5.30
N ILE A 147 2.57 4.20 -4.02
CA ILE A 147 1.58 4.87 -3.18
C ILE A 147 1.98 6.33 -3.08
N ALA A 148 1.06 7.22 -3.45
CA ALA A 148 1.37 8.64 -3.52
C ALA A 148 0.27 9.45 -2.84
N GLY A 149 0.68 10.53 -2.18
CA GLY A 149 -0.26 11.49 -1.64
C GLY A 149 -0.56 12.65 -2.55
N GLU A 150 0.16 12.75 -3.66
CA GLU A 150 -0.04 13.80 -4.66
C GLU A 150 0.98 13.57 -5.76
N VAL A 151 0.78 14.27 -6.87
CA VAL A 151 1.55 14.04 -8.09
C VAL A 151 2.79 14.93 -8.12
N GLY A 152 3.73 14.62 -9.02
CA GLY A 152 4.79 15.53 -9.39
C GLY A 152 6.18 15.12 -8.97
N SER A 153 6.32 14.15 -8.08
CA SER A 153 7.62 13.79 -7.56
C SER A 153 8.43 13.00 -8.60
N LYS A 154 9.73 12.89 -8.34
CA LYS A 154 10.59 12.05 -9.17
C LYS A 154 10.09 10.61 -9.19
N LYS A 155 9.81 10.06 -8.01
CA LYS A 155 9.19 8.75 -7.94
C LYS A 155 7.91 8.71 -8.78
N TYR A 156 7.07 9.73 -8.64
CA TYR A 156 5.82 9.77 -9.38
C TYR A 156 6.07 9.73 -10.88
N LEU A 157 6.89 10.66 -11.39
CA LEU A 157 7.13 10.72 -12.83
C LEU A 157 7.73 9.43 -13.35
N VAL A 158 8.65 8.83 -12.59
CA VAL A 158 9.26 7.57 -13.03
C VAL A 158 8.20 6.47 -13.11
N ALA A 159 7.41 6.30 -12.05
CA ALA A 159 6.37 5.28 -12.08
C ALA A 159 5.39 5.54 -13.21
N ALA A 160 5.13 6.80 -13.54
CA ALA A 160 4.27 7.12 -14.67
C ALA A 160 4.88 6.64 -15.98
N SER A 161 6.13 7.04 -16.25
CA SER A 161 6.79 6.65 -17.50
C SER A 161 6.76 5.15 -17.70
N LEU A 162 6.89 4.39 -16.61
CA LEU A 162 6.83 2.94 -16.68
C LEU A 162 5.40 2.42 -16.59
N LYS A 163 4.41 3.31 -16.44
CA LYS A 163 3.00 2.94 -16.33
C LYS A 163 2.77 1.96 -15.17
N LYS A 164 3.55 2.10 -14.11
CA LYS A 164 3.25 1.40 -12.88
C LYS A 164 2.04 2.06 -12.20
N PRO A 165 1.19 1.29 -11.54
CA PRO A 165 0.04 1.90 -10.86
C PRO A 165 0.50 2.87 -9.78
N VAL A 166 -0.12 4.05 -9.77
CA VAL A 166 0.13 5.07 -8.75
C VAL A 166 -1.18 5.25 -8.00
N LEU A 167 -1.27 4.68 -6.80
CA LEU A 167 -2.51 4.62 -6.04
C LEU A 167 -2.39 5.49 -4.79
N LEU A 168 -3.56 5.81 -4.23
CA LEU A 168 -3.62 6.54 -2.99
C LEU A 168 -3.44 5.61 -1.79
N PRO A 169 -3.14 6.15 -0.61
CA PRO A 169 -3.00 5.28 0.57
C PRO A 169 -4.24 4.47 0.89
N SER A 170 -5.42 5.01 0.58
CA SER A 170 -6.67 4.33 0.91
C SER A 170 -6.69 2.92 0.34
N TRP A 171 -6.07 2.72 -0.82
CA TRP A 171 -6.02 1.39 -1.43
C TRP A 171 -5.46 0.37 -0.45
N VAL A 172 -4.39 0.72 0.25
CA VAL A 172 -3.84 -0.17 1.27
C VAL A 172 -4.83 -0.30 2.42
N LYS A 173 -5.35 0.82 2.91
CA LYS A 173 -6.26 0.77 4.06
C LYS A 173 -7.46 -0.11 3.75
N THR A 174 -8.13 0.13 2.61
CA THR A 174 -9.29 -0.67 2.25
C THR A 174 -8.92 -2.14 2.09
N LEU A 175 -7.68 -2.44 1.67
CA LEU A 175 -7.30 -3.84 1.57
C LEU A 175 -7.09 -4.45 2.95
N TRP A 176 -6.60 -3.66 3.89
CA TRP A 176 -6.49 -4.16 5.26
C TRP A 176 -7.87 -4.40 5.85
N ASP A 177 -8.67 -3.34 5.99
CA ASP A 177 -9.95 -3.44 6.68
C ASP A 177 -10.79 -4.58 6.13
N LYS A 178 -10.88 -4.69 4.81
CA LYS A 178 -11.71 -5.73 4.21
C LYS A 178 -11.13 -7.11 4.48
N SER A 179 -9.81 -7.28 4.33
CA SER A 179 -9.25 -8.62 4.47
C SER A 179 -9.20 -9.07 5.91
N GLN A 180 -9.59 -8.22 6.87
CA GLN A 180 -9.73 -8.66 8.25
C GLN A 180 -10.85 -9.68 8.40
N GLN A 181 -11.93 -9.50 7.64
CA GLN A 181 -13.10 -10.38 7.72
C GLN A 181 -12.96 -11.57 6.79
N ARG A 182 -12.60 -11.33 5.53
CA ARG A 182 -12.58 -12.35 4.50
C ARG A 182 -11.18 -12.48 3.89
N MET A 183 -10.96 -13.61 3.23
CA MET A 183 -9.73 -13.88 2.52
C MET A 183 -9.84 -13.34 1.10
N MET A 184 -8.84 -12.59 0.67
CA MET A 184 -8.88 -11.94 -0.63
C MET A 184 -7.46 -11.61 -1.06
N ARG A 185 -7.33 -11.08 -2.27
CA ARG A 185 -6.06 -10.65 -2.81
C ARG A 185 -6.17 -9.19 -3.26
N TYR A 186 -5.03 -8.59 -3.58
CA TYR A 186 -4.98 -7.15 -3.80
C TYR A 186 -5.67 -6.74 -5.11
N THR A 187 -5.82 -7.67 -6.06
CA THR A 187 -6.56 -7.39 -7.28
C THR A 187 -8.07 -7.45 -7.08
N ASP A 188 -8.54 -7.88 -5.92
CA ASP A 188 -9.97 -7.94 -5.64
C ASP A 188 -10.57 -6.57 -5.36
N VAL A 189 -9.77 -5.51 -5.49
CA VAL A 189 -10.23 -4.14 -5.45
C VAL A 189 -9.85 -3.51 -6.78
N ASN A 190 -10.70 -2.60 -7.26
CA ASN A 190 -10.45 -1.96 -8.54
C ASN A 190 -9.43 -0.84 -8.38
N MET A 191 -8.27 -0.98 -9.02
CA MET A 191 -7.23 0.04 -8.94
C MET A 191 -7.76 1.42 -9.30
N GLU A 192 -8.59 1.50 -10.34
CA GLU A 192 -9.02 2.79 -10.87
C GLU A 192 -9.68 3.64 -9.80
N ASP A 193 -10.47 3.01 -8.93
CA ASP A 193 -11.19 3.73 -7.89
C ASP A 193 -10.27 4.30 -6.83
N TYR A 194 -9.01 3.88 -6.80
CA TYR A 194 -8.02 4.38 -5.84
C TYR A 194 -6.81 4.97 -6.54
N ALA A 195 -6.90 5.22 -7.84
CA ALA A 195 -5.81 5.83 -8.58
C ALA A 195 -5.59 7.26 -8.12
N CYS A 196 -4.33 7.69 -8.11
CA CYS A 196 -4.01 9.07 -7.74
C CYS A 196 -4.55 9.99 -8.83
N PRO A 197 -5.41 10.95 -8.50
CA PRO A 197 -5.90 11.87 -9.54
C PRO A 197 -4.75 12.57 -10.25
N VAL A 198 -4.95 12.81 -11.55
CA VAL A 198 -3.88 13.37 -12.38
C VAL A 198 -3.34 14.66 -11.80
N PHE A 199 -4.18 15.47 -11.15
CA PHE A 199 -3.77 16.79 -10.68
C PHE A 199 -3.88 16.93 -9.17
N LEU A 200 -3.91 15.83 -8.43
CA LEU A 200 -3.97 15.91 -6.97
C LEU A 200 -2.74 16.65 -6.43
N GLY A 201 -2.99 17.69 -5.64
CA GLY A 201 -1.93 18.52 -5.12
C GLY A 201 -1.61 19.75 -5.96
N CYS A 202 -2.19 19.85 -7.16
CA CYS A 202 -1.94 20.98 -8.03
C CYS A 202 -2.99 22.06 -7.84
N THR A 203 -2.54 23.32 -7.83
CA THR A 203 -3.41 24.47 -8.00
C THR A 203 -3.09 25.08 -9.35
N ILE A 204 -4.04 25.02 -10.27
CA ILE A 204 -3.82 25.38 -11.67
C ILE A 204 -4.26 26.82 -11.87
N CYS A 205 -3.41 27.62 -12.51
CA CYS A 205 -3.73 28.99 -12.87
C CYS A 205 -3.43 29.19 -14.36
N VAL A 206 -4.15 30.13 -14.97
CA VAL A 206 -4.12 30.31 -16.41
C VAL A 206 -3.87 31.78 -16.73
N THR A 207 -3.55 32.05 -18.00
CA THR A 207 -3.37 33.40 -18.50
C THR A 207 -3.25 33.33 -20.01
N GLY A 208 -3.95 34.23 -20.69
CA GLY A 208 -3.94 34.25 -22.14
C GLY A 208 -4.78 33.20 -22.81
N LEU A 209 -5.76 32.63 -22.09
CA LEU A 209 -6.65 31.63 -22.65
C LEU A 209 -8.05 32.21 -22.83
N SER A 210 -8.71 31.82 -23.91
CA SER A 210 -10.08 32.23 -24.13
C SER A 210 -10.94 31.84 -22.94
N SER A 211 -11.99 32.63 -22.70
CA SER A 211 -12.91 32.33 -21.60
C SER A 211 -13.40 30.90 -21.66
N SER A 212 -13.66 30.39 -22.86
CA SER A 212 -14.15 29.01 -23.00
C SER A 212 -13.08 28.01 -22.59
N ASP A 213 -11.89 28.10 -23.21
CA ASP A 213 -10.78 27.25 -22.78
C ASP A 213 -10.56 27.36 -21.28
N ARG A 214 -10.66 28.56 -20.74
CA ARG A 214 -10.51 28.78 -19.31
C ARG A 214 -11.50 27.93 -18.53
N LYS A 215 -12.78 27.97 -18.93
CA LYS A 215 -13.79 27.16 -18.27
C LYS A 215 -13.47 25.68 -18.39
N GLU A 216 -12.95 25.25 -19.55
CA GLU A 216 -12.58 23.85 -19.73
C GLU A 216 -11.50 23.45 -18.75
N VAL A 217 -10.46 24.29 -18.61
CA VAL A 217 -9.41 24.00 -17.65
C VAL A 217 -9.96 23.91 -16.25
N GLN A 218 -10.85 24.84 -15.87
CA GLN A 218 -11.52 24.75 -14.58
C GLN A 218 -12.18 23.38 -14.39
N ARG A 219 -13.09 23.04 -15.30
CA ARG A 219 -13.85 21.80 -15.17
C ARG A 219 -12.93 20.59 -15.07
N LEU A 220 -12.02 20.44 -16.03
CA LEU A 220 -11.14 19.27 -16.05
C LEU A 220 -10.22 19.23 -14.83
N THR A 221 -9.78 20.39 -14.36
CA THR A 221 -9.00 20.44 -13.13
C THR A 221 -9.79 19.86 -11.96
N ALA A 222 -11.00 20.37 -11.73
CA ALA A 222 -11.81 19.84 -10.63
C ALA A 222 -12.10 18.35 -10.83
N GLU A 223 -12.29 17.92 -12.07
CA GLU A 223 -12.62 16.53 -12.33
C GLU A 223 -11.43 15.61 -12.09
N HIS A 224 -10.21 16.09 -12.27
CA HIS A 224 -9.01 15.29 -12.08
C HIS A 224 -8.28 15.60 -10.78
N GLY A 225 -9.01 16.05 -9.77
CA GLY A 225 -8.48 16.14 -8.42
C GLY A 225 -7.63 17.35 -8.12
N GLY A 226 -7.58 18.34 -9.01
CA GLY A 226 -6.78 19.53 -8.81
C GLY A 226 -7.62 20.71 -8.32
N GLN A 227 -6.92 21.82 -8.10
CA GLN A 227 -7.54 23.06 -7.66
C GLN A 227 -7.36 24.13 -8.73
N TYR A 228 -8.43 24.86 -9.00
CA TYR A 228 -8.41 25.99 -9.93
C TYR A 228 -8.62 27.28 -9.14
N SER A 229 -7.98 28.37 -9.59
CA SER A 229 -7.99 29.59 -8.80
C SER A 229 -8.13 30.87 -9.64
N GLY A 230 -8.39 30.76 -10.93
CA GLY A 230 -8.56 31.95 -11.77
C GLY A 230 -7.26 32.69 -11.98
N MET A 234 0.20 34.01 -6.90
CA MET A 234 1.46 33.38 -7.27
C MET A 234 1.86 32.36 -6.20
N ASN A 235 1.69 32.74 -4.93
CA ASN A 235 1.92 31.82 -3.83
C ASN A 235 0.91 30.69 -3.84
N GLU A 236 -0.30 30.94 -4.35
CA GLU A 236 -1.36 29.93 -4.33
C GLU A 236 -1.25 28.96 -5.50
N CYS A 237 -0.76 29.42 -6.65
CA CYS A 237 -0.64 28.57 -7.82
C CYS A 237 0.57 27.66 -7.71
N THR A 238 0.43 26.44 -8.19
CA THR A 238 1.57 25.56 -8.43
C THR A 238 1.96 25.51 -9.90
N HIS A 239 1.00 25.73 -10.80
CA HIS A 239 1.24 25.72 -12.23
C HIS A 239 0.54 26.91 -12.86
N LEU A 240 1.19 27.51 -13.86
CA LEU A 240 0.61 28.60 -14.64
C LEU A 240 0.58 28.18 -16.10
N ILE A 241 -0.63 27.97 -16.63
CA ILE A 241 -0.80 27.71 -18.06
C ILE A 241 -0.70 29.03 -18.80
N VAL A 242 0.16 29.08 -19.82
CA VAL A 242 0.47 30.31 -20.54
C VAL A 242 0.31 30.08 -22.04
N GLN A 243 -0.06 31.15 -22.74
CA GLN A 243 -0.01 31.17 -24.20
C GLN A 243 1.01 32.22 -24.67
N VAL A 258 6.72 28.45 -9.15
CA VAL A 258 5.57 28.13 -10.00
C VAL A 258 6.05 27.55 -11.32
N HIS A 259 5.30 26.60 -11.86
CA HIS A 259 5.60 26.00 -13.15
C HIS A 259 4.81 26.71 -14.23
N CYS A 260 5.52 27.27 -15.21
CA CYS A 260 4.91 27.93 -16.36
C CYS A 260 4.92 26.94 -17.52
N VAL A 261 3.75 26.40 -17.85
CA VAL A 261 3.66 25.34 -18.85
C VAL A 261 2.61 25.73 -19.89
N PRO A 262 2.71 25.15 -21.08
CA PRO A 262 1.65 25.35 -22.07
C PRO A 262 0.48 24.41 -21.80
N VAL A 263 -0.63 24.70 -22.48
CA VAL A 263 -1.84 23.89 -22.30
C VAL A 263 -1.61 22.45 -22.74
N GLN A 264 -0.64 22.23 -23.64
CA GLN A 264 -0.32 20.86 -24.06
C GLN A 264 0.09 20.00 -22.87
N TRP A 265 0.68 20.62 -21.83
CA TRP A 265 0.99 19.88 -20.61
C TRP A 265 -0.29 19.40 -19.92
N PHE A 266 -1.28 20.29 -19.82
CA PHE A 266 -2.55 19.95 -19.20
C PHE A 266 -3.23 18.81 -19.97
N SER A 267 -3.37 18.98 -21.29
CA SER A 267 -4.10 18.00 -22.09
C SER A 267 -3.35 16.68 -22.15
N ASP A 268 -2.02 16.70 -22.30
CA ASP A 268 -1.26 15.46 -22.30
C ASP A 268 -1.31 14.78 -20.94
N SER A 269 -1.34 15.55 -19.86
CA SER A 269 -1.50 14.95 -18.53
C SER A 269 -2.82 14.20 -18.44
N ILE A 270 -3.90 14.83 -18.92
CA ILE A 270 -5.20 14.15 -18.87
C ILE A 270 -5.21 12.94 -19.80
N GLU A 271 -4.58 13.06 -20.97
CA GLU A 271 -4.71 12.03 -22.00
C GLU A 271 -3.89 10.80 -21.65
N LYS A 272 -2.71 11.00 -21.08
CA LYS A 272 -1.83 9.88 -20.73
C LYS A 272 -2.13 9.33 -19.34
N GLY A 273 -2.99 10.00 -18.57
CA GLY A 273 -3.39 9.49 -17.27
C GLY A 273 -2.45 9.78 -16.12
N PHE A 274 -1.44 10.63 -16.33
CA PHE A 274 -0.51 11.00 -15.27
C PHE A 274 -0.17 12.48 -15.43
N CYS A 275 0.12 13.13 -14.30
CA CYS A 275 0.70 14.46 -14.35
C CYS A 275 2.04 14.38 -15.08
N GLN A 276 2.18 15.18 -16.13
CA GLN A 276 3.38 15.15 -16.94
C GLN A 276 4.52 15.91 -16.30
N ASP A 277 5.75 15.49 -16.63
CA ASP A 277 6.95 16.22 -16.25
C ASP A 277 6.90 17.63 -16.81
N GLU A 278 6.82 18.64 -15.94
CA GLU A 278 6.72 20.02 -16.41
C GLU A 278 7.96 20.44 -17.19
N THR A 279 9.14 19.92 -16.83
CA THR A 279 10.35 20.29 -17.55
C THR A 279 10.34 19.80 -18.99
N MET A 280 9.52 18.79 -19.29
CA MET A 280 9.35 18.32 -20.67
C MET A 280 8.41 19.21 -21.48
N TYR A 281 7.79 20.20 -20.85
CA TYR A 281 6.85 21.10 -21.51
C TYR A 281 7.23 22.55 -21.26
N LYS A 282 8.49 22.89 -21.47
CA LYS A 282 8.96 24.27 -21.32
C LYS A 282 9.56 24.78 -22.62
N SER B 1 21.98 1.28 -11.56
CA SER B 1 21.64 0.66 -10.29
C SER B 1 20.18 0.22 -10.32
N PRO B 2 19.75 -0.54 -9.31
CA PRO B 2 18.34 -0.94 -9.25
C PRO B 2 17.41 0.15 -8.77
N VAL B 3 17.94 1.22 -8.16
CA VAL B 3 17.12 2.33 -7.68
C VAL B 3 16.80 3.23 -8.87
N LEU B 4 15.50 3.39 -9.14
CA LEU B 4 15.06 4.30 -10.19
C LEU B 4 14.83 5.72 -9.66
N ALA B 5 14.43 5.85 -8.40
CA ALA B 5 14.24 7.16 -7.78
C ALA B 5 14.44 6.99 -6.28
N GLU B 6 15.26 7.85 -5.69
CA GLU B 6 15.64 7.68 -4.30
C GLU B 6 14.55 8.21 -3.38
N ASP B 7 14.64 7.82 -2.11
CA ASP B 7 13.66 8.18 -1.10
C ASP B 7 13.71 9.67 -0.79
#